data_2XSP
#
_entry.id   2XSP
#
_cell.length_a   134.797
_cell.length_b   49.512
_cell.length_c   73.500
_cell.angle_alpha   90.00
_cell.angle_beta   118.90
_cell.angle_gamma   90.00
#
_symmetry.space_group_name_H-M   'C 1 2 1'
#
loop_
_entity.id
_entity.type
_entity.pdbx_description
1 polymer 'CELLULOSE 1,4-BETA-CELLOBIOSIDASE'
2 branched 2-acetamido-2-deoxy-beta-D-glucopyranose-(1-4)-2-acetamido-2-deoxy-beta-D-glucopyranose
3 non-polymer '4-(2-HYDROXYETHYL)-1-PIPERAZINE ETHANESULFONIC ACID'
4 non-polymer alpha-D-xylopyranose
5 non-polymer 'MAGNESIUM ION'
6 water water
#
_entity_poly.entity_id   1
_entity_poly.type   'polypeptide(L)'
_entity_poly.pdbx_seq_one_letter_code
;(PCA)QVGTQTAENHPKLTVSQCSAGGSCTTESRSVVLDSNWRWLHTTSGTTNCYTGNTWDASLCPDPVTCAQNCALDGA
DYSGTYGISTSGNALTLKFVTNGPYSTNIGSRVYLMSADDTNYEIFKLKNQEFAFDVDMSNLPCGLNGALYFVEMDADGG
LSRFPNNKAGSKYGTGYCDTQCPQDIKFINGEANILGWTPSSSDSNAGTGQYGSCCNEMDVWEANINSAAVTPHVCNVQG
QTRCSGTQCGDGDERYDGICDKDGCDFNSFRMGNQTFLGPGKTVNTNSKFTVVTQFLTSDNTTTGTLHEIRRLYVQNGKV
IANSKTNIAGMSQFDSITDDFCNAQKTAFGDTNSFENLGGLNVMGQAFDKGVVLVMSVWDDHEANMLWLDSDYPTTSSAS
TPGVARGTCATTSGVPANVESQNPNSSVVFSNIKIGPIGSTYTA
;
_entity_poly.pdbx_strand_id   A
#
# COMPACT_ATOMS: atom_id res chain seq x y z
N GLN A 2 6.46 14.92 -18.31
CA GLN A 2 5.74 14.97 -19.58
C GLN A 2 5.13 13.63 -19.92
N VAL A 3 4.31 13.62 -20.98
CA VAL A 3 3.68 12.41 -21.53
C VAL A 3 4.48 11.92 -22.74
N GLY A 4 4.93 10.66 -22.69
CA GLY A 4 5.61 10.02 -23.82
C GLY A 4 4.59 9.27 -24.66
N THR A 5 4.84 9.18 -25.97
CA THR A 5 3.87 8.56 -26.87
C THR A 5 4.47 7.43 -27.72
N GLN A 6 5.65 6.97 -27.36
CA GLN A 6 6.27 5.85 -28.05
C GLN A 6 5.42 4.60 -27.93
N THR A 7 4.73 4.47 -26.79
CA THR A 7 3.93 3.30 -26.43
C THR A 7 2.56 3.73 -25.92
N ALA A 8 1.47 3.18 -26.47
CA ALA A 8 0.15 3.55 -25.99
C ALA A 8 -0.05 3.02 -24.58
N GLU A 9 -0.79 3.78 -23.80
CA GLU A 9 -1.09 3.41 -22.41
C GLU A 9 -2.51 2.90 -22.33
N ASN A 10 -2.63 1.59 -22.13
CA ASN A 10 -3.91 0.89 -22.02
C ASN A 10 -4.02 0.22 -20.66
N HIS A 11 -4.85 0.78 -19.80
CA HIS A 11 -4.95 0.27 -18.43
C HIS A 11 -5.68 -1.07 -18.44
N PRO A 12 -5.07 -2.14 -17.88
CA PRO A 12 -5.78 -3.42 -17.78
C PRO A 12 -7.12 -3.24 -17.06
N LYS A 13 -8.15 -3.90 -17.57
CA LYS A 13 -9.49 -3.71 -17.03
C LYS A 13 -9.70 -4.52 -15.75
N LEU A 14 -10.53 -4.00 -14.85
CA LEU A 14 -10.83 -4.77 -13.65
C LEU A 14 -12.23 -4.42 -13.22
N THR A 15 -13.08 -5.41 -13.01
CA THR A 15 -14.41 -5.09 -12.50
C THR A 15 -14.43 -5.07 -10.98
N VAL A 16 -15.24 -4.16 -10.43
CA VAL A 16 -15.49 -4.12 -8.99
C VAL A 16 -17.01 -4.13 -8.77
N SER A 17 -17.43 -4.43 -7.54
CA SER A 17 -18.86 -4.49 -7.23
C SER A 17 -19.26 -3.40 -6.26
N GLN A 18 -20.40 -2.75 -6.55
CA GLN A 18 -20.99 -1.81 -5.60
C GLN A 18 -22.24 -2.51 -5.03
N CYS A 19 -22.31 -2.65 -3.72
CA CYS A 19 -23.33 -3.50 -3.12
C CYS A 19 -24.30 -2.71 -2.31
N SER A 20 -25.47 -3.32 -2.10
CA SER A 20 -26.57 -2.72 -1.34
C SER A 20 -27.03 -3.61 -0.18
N ALA A 21 -27.74 -3.01 0.77
CA ALA A 21 -28.35 -3.78 1.86
C ALA A 21 -29.12 -4.96 1.28
N GLY A 22 -28.88 -6.15 1.82
CA GLY A 22 -29.48 -7.38 1.28
C GLY A 22 -28.48 -8.19 0.49
N GLY A 23 -27.43 -7.52 -0.01
CA GLY A 23 -26.34 -8.22 -0.66
C GLY A 23 -26.38 -8.32 -2.18
N SER A 24 -27.28 -7.58 -2.82
CA SER A 24 -27.24 -7.53 -4.27
C SER A 24 -26.21 -6.48 -4.68
N CYS A 25 -25.35 -6.83 -5.63
CA CYS A 25 -24.30 -5.93 -6.08
C CYS A 25 -24.39 -5.70 -7.58
N THR A 26 -24.02 -4.51 -8.01
CA THR A 26 -23.87 -4.22 -9.42
C THR A 26 -22.38 -4.22 -9.79
N THR A 27 -22.08 -4.66 -11.00
CA THR A 27 -20.71 -4.73 -11.51
C THR A 27 -20.35 -3.42 -12.18
N GLU A 28 -19.21 -2.87 -11.80
CA GLU A 28 -18.72 -1.63 -12.36
C GLU A 28 -17.44 -1.96 -13.13
N SER A 29 -17.32 -1.40 -14.32
CA SER A 29 -16.14 -1.54 -15.16
C SER A 29 -15.08 -0.52 -14.79
N ARG A 30 -13.98 -0.97 -14.21
CA ARG A 30 -12.89 -0.11 -13.86
C ARG A 30 -11.59 -0.65 -14.51
N SER A 31 -10.44 -0.23 -14.00
CA SER A 31 -9.16 -0.59 -14.59
C SER A 31 -8.06 -0.21 -13.59
N VAL A 32 -6.83 -0.62 -13.89
CA VAL A 32 -5.70 -0.28 -13.03
C VAL A 32 -4.59 0.39 -13.81
N VAL A 33 -3.79 1.24 -13.14
CA VAL A 33 -2.68 1.91 -13.81
C VAL A 33 -1.40 1.69 -13.02
N LEU A 34 -0.31 1.51 -13.75
CA LEU A 34 1.01 1.35 -13.17
C LEU A 34 1.57 2.64 -12.60
N ASP A 35 2.14 2.58 -11.39
CA ASP A 35 2.79 3.73 -10.78
C ASP A 35 3.92 4.29 -11.64
N SER A 36 4.02 5.62 -11.67
CA SER A 36 4.98 6.31 -12.56
C SER A 36 6.46 5.95 -12.35
N ASN A 37 6.85 5.57 -11.13
CA ASN A 37 8.23 5.21 -10.84
C ASN A 37 8.74 4.03 -11.68
N TRP A 38 7.83 3.20 -12.17
CA TRP A 38 8.23 1.99 -12.91
C TRP A 38 8.45 2.24 -14.41
N ARG A 39 8.02 3.41 -14.88
CA ARG A 39 7.91 3.68 -16.32
C ARG A 39 9.21 4.07 -17.00
N TRP A 40 9.29 3.76 -18.28
CA TRP A 40 10.35 4.32 -19.11
C TRP A 40 10.26 5.85 -19.07
N LEU A 41 11.37 6.52 -18.74
CA LEU A 41 11.42 7.98 -18.69
C LEU A 41 12.48 8.45 -19.69
N HIS A 42 12.01 9.10 -20.76
CA HIS A 42 12.90 9.47 -21.87
C HIS A 42 12.65 10.89 -22.33
N THR A 43 13.61 11.42 -23.10
CA THR A 43 13.48 12.77 -23.65
CA THR A 43 13.48 12.68 -23.59
C THR A 43 12.22 12.90 -24.49
N THR A 44 11.66 14.10 -24.47
CA THR A 44 10.43 14.40 -25.19
C THR A 44 10.64 14.35 -26.71
N SER A 45 11.83 14.69 -27.17
CA SER A 45 12.09 14.69 -28.61
C SER A 45 12.51 13.32 -29.18
N GLY A 46 12.85 12.38 -28.31
CA GLY A 46 13.45 11.12 -28.77
C GLY A 46 13.32 9.93 -27.84
N THR A 47 14.42 9.20 -27.67
CA THR A 47 14.40 7.92 -26.97
C THR A 47 15.48 7.81 -25.89
N THR A 48 16.33 8.84 -25.80
CA THR A 48 17.34 8.95 -24.76
C THR A 48 16.71 8.93 -23.36
N ASN A 49 17.18 8.02 -22.51
CA ASN A 49 16.70 7.92 -21.13
C ASN A 49 17.10 9.10 -20.26
N CYS A 50 16.18 9.54 -19.41
CA CYS A 50 16.53 10.56 -18.39
C CYS A 50 17.08 9.91 -17.13
N TYR A 51 16.76 8.62 -16.94
CA TYR A 51 17.14 7.87 -15.75
C TYR A 51 17.42 6.44 -16.19
N THR A 52 18.57 5.90 -15.76
CA THR A 52 18.98 4.53 -16.10
C THR A 52 19.62 3.90 -14.87
N GLY A 53 19.15 2.71 -14.52
CA GLY A 53 19.62 2.02 -13.32
C GLY A 53 19.10 2.79 -12.12
N ASN A 54 20.02 3.45 -11.40
CA ASN A 54 19.62 4.39 -10.36
C ASN A 54 20.30 5.76 -10.48
N THR A 55 20.53 6.16 -11.72
CA THR A 55 21.31 7.36 -12.04
C THR A 55 20.54 8.23 -13.01
N TRP A 56 20.41 9.52 -12.67
CA TRP A 56 19.77 10.49 -13.53
C TRP A 56 20.80 11.01 -14.52
N ASP A 57 20.36 11.31 -15.75
CA ASP A 57 21.21 11.96 -16.74
C ASP A 57 21.36 13.44 -16.42
N ALA A 58 22.55 13.80 -15.95
CA ALA A 58 22.83 15.16 -15.47
C ALA A 58 22.64 16.28 -16.51
N SER A 59 22.80 15.98 -17.79
CA SER A 59 22.70 17.00 -18.81
C SER A 59 21.25 17.22 -19.27
N LEU A 60 20.41 16.20 -19.11
CA LEU A 60 18.98 16.34 -19.37
C LEU A 60 18.25 16.84 -18.13
N CYS A 61 18.82 16.54 -16.96
CA CYS A 61 18.22 16.89 -15.68
C CYS A 61 19.16 17.72 -14.81
N PRO A 62 19.48 18.95 -15.24
CA PRO A 62 20.39 19.80 -14.48
C PRO A 62 19.74 20.35 -13.21
N ASP A 63 18.41 20.46 -13.25
CA ASP A 63 17.63 20.93 -12.11
C ASP A 63 16.25 20.27 -12.14
N PRO A 64 15.52 20.30 -11.01
CA PRO A 64 14.22 19.62 -10.92
C PRO A 64 13.19 20.03 -11.99
N VAL A 65 13.14 21.31 -12.35
CA VAL A 65 12.14 21.80 -13.28
C VAL A 65 12.51 21.48 -14.73
N THR A 66 13.76 21.74 -15.11
CA THR A 66 14.23 21.40 -16.44
C THR A 66 14.00 19.92 -16.69
N CYS A 67 14.34 19.11 -15.70
CA CYS A 67 14.14 17.64 -15.79
C CYS A 67 12.69 17.30 -16.05
N ALA A 68 11.75 17.90 -15.29
CA ALA A 68 10.31 17.65 -15.49
C ALA A 68 9.81 18.12 -16.83
N GLN A 69 10.41 19.19 -17.37
CA GLN A 69 9.99 19.68 -18.69
C GLN A 69 10.58 18.85 -19.85
N ASN A 70 11.74 18.24 -19.63
CA ASN A 70 12.51 17.52 -20.68
C ASN A 70 12.15 16.04 -20.74
N CYS A 71 11.56 15.52 -19.67
CA CYS A 71 11.49 14.06 -19.51
C CYS A 71 10.06 13.57 -19.49
N ALA A 72 9.79 12.54 -20.28
CA ALA A 72 8.44 12.05 -20.52
C ALA A 72 8.25 10.62 -20.04
N LEU A 73 7.13 10.38 -19.35
CA LEU A 73 6.71 9.03 -18.93
C LEU A 73 5.95 8.34 -20.04
N ASP A 74 6.34 7.12 -20.38
CA ASP A 74 5.68 6.49 -21.51
C ASP A 74 4.75 5.35 -21.12
N GLY A 75 4.05 4.79 -22.11
CA GLY A 75 3.09 3.68 -21.86
C GLY A 75 3.81 2.42 -21.40
N ALA A 76 3.05 1.51 -20.81
CA ALA A 76 3.64 0.31 -20.19
C ALA A 76 3.15 -1.01 -20.83
N ASP A 77 4.06 -1.98 -20.96
CA ASP A 77 3.75 -3.34 -21.39
C ASP A 77 3.37 -4.11 -20.10
N TYR A 78 2.10 -4.00 -19.68
CA TYR A 78 1.68 -4.46 -18.35
C TYR A 78 2.07 -5.88 -18.01
N SER A 79 1.74 -6.83 -18.89
CA SER A 79 2.02 -8.20 -18.56
C SER A 79 3.46 -8.61 -18.89
N GLY A 80 3.88 -8.38 -20.12
CA GLY A 80 5.17 -8.92 -20.54
C GLY A 80 6.38 -8.29 -19.86
N THR A 81 6.24 -7.04 -19.44
CA THR A 81 7.34 -6.32 -18.78
C THR A 81 7.14 -6.12 -17.27
N TYR A 82 5.89 -5.91 -16.84
CA TYR A 82 5.63 -5.62 -15.43
C TYR A 82 4.92 -6.70 -14.60
N GLY A 83 4.49 -7.78 -15.24
CA GLY A 83 3.89 -8.91 -14.53
C GLY A 83 2.48 -8.66 -14.02
N ILE A 84 1.82 -7.66 -14.62
CA ILE A 84 0.49 -7.24 -14.17
C ILE A 84 -0.53 -7.74 -15.18
N SER A 85 -1.52 -8.49 -14.70
CA SER A 85 -2.56 -8.98 -15.61
CA SER A 85 -2.56 -9.05 -15.56
C SER A 85 -3.86 -9.04 -14.83
N THR A 86 -4.94 -8.93 -15.58
CA THR A 86 -6.24 -9.06 -14.97
C THR A 86 -7.09 -10.06 -15.76
N SER A 87 -8.05 -10.64 -15.07
CA SER A 87 -8.99 -11.55 -15.68
C SER A 87 -10.37 -11.36 -14.99
N GLY A 88 -11.10 -10.41 -15.55
CA GLY A 88 -12.39 -10.04 -15.04
C GLY A 88 -12.30 -9.24 -13.74
N ASN A 89 -12.63 -9.89 -12.64
CA ASN A 89 -12.55 -9.31 -11.34
C ASN A 89 -11.28 -9.60 -10.59
N ALA A 90 -10.33 -10.21 -11.30
CA ALA A 90 -9.10 -10.68 -10.66
C ALA A 90 -7.88 -9.98 -11.20
N LEU A 91 -7.04 -9.50 -10.27
CA LEU A 91 -5.77 -8.85 -10.61
C LEU A 91 -4.64 -9.75 -10.11
N THR A 92 -3.72 -10.13 -11.00
CA THR A 92 -2.55 -10.91 -10.60
C THR A 92 -1.32 -10.01 -10.72
N LEU A 93 -0.54 -9.92 -9.63
CA LEU A 93 0.73 -9.21 -9.59
C LEU A 93 1.86 -10.23 -9.38
N LYS A 94 2.72 -10.35 -10.40
CA LYS A 94 3.88 -11.24 -10.32
C LYS A 94 5.07 -10.49 -9.71
N PHE A 95 5.84 -11.21 -8.92
CA PHE A 95 6.99 -10.62 -8.23
C PHE A 95 8.17 -10.22 -9.14
N VAL A 96 8.60 -11.12 -10.02
CA VAL A 96 9.74 -10.86 -10.91
C VAL A 96 9.29 -11.07 -12.35
N THR A 97 9.50 -10.08 -13.21
CA THR A 97 9.18 -10.20 -14.63
C THR A 97 10.39 -9.79 -15.44
N ASN A 98 10.72 -10.60 -16.44
CA ASN A 98 11.78 -10.24 -17.37
C ASN A 98 11.17 -9.78 -18.70
N GLY A 99 11.05 -8.48 -18.90
CA GLY A 99 10.60 -7.94 -20.19
C GLY A 99 11.71 -8.00 -21.21
N PRO A 100 11.39 -7.74 -22.50
CA PRO A 100 12.47 -7.73 -23.48
C PRO A 100 13.59 -6.71 -23.22
N TYR A 101 13.26 -5.58 -22.58
CA TYR A 101 14.23 -4.49 -22.38
C TYR A 101 14.56 -4.17 -20.94
N SER A 102 13.80 -4.74 -19.99
CA SER A 102 14.02 -4.42 -18.58
C SER A 102 13.41 -5.53 -17.72
N THR A 103 13.99 -5.70 -16.54
CA THR A 103 13.51 -6.62 -15.53
C THR A 103 12.89 -5.81 -14.41
N ASN A 104 11.74 -6.25 -13.94
CA ASN A 104 11.03 -5.43 -12.94
CA ASN A 104 10.96 -5.47 -12.99
C ASN A 104 10.72 -6.34 -11.75
N ILE A 105 10.96 -5.81 -10.56
CA ILE A 105 10.77 -6.52 -9.31
C ILE A 105 9.68 -5.81 -8.55
N GLY A 106 8.56 -6.51 -8.38
CA GLY A 106 7.39 -5.94 -7.73
C GLY A 106 6.67 -4.93 -8.58
N SER A 107 5.52 -4.49 -8.09
CA SER A 107 4.73 -3.50 -8.83
C SER A 107 3.82 -2.82 -7.89
N ARG A 108 3.30 -1.68 -8.32
CA ARG A 108 2.28 -0.96 -7.57
C ARG A 108 1.31 -0.37 -8.57
N VAL A 109 0.01 -0.60 -8.36
CA VAL A 109 -1.02 -0.10 -9.27
C VAL A 109 -2.11 0.64 -8.50
N TYR A 110 -2.83 1.52 -9.20
CA TYR A 110 -3.99 2.21 -8.61
C TYR A 110 -5.26 1.90 -9.39
N LEU A 111 -6.40 1.90 -8.70
CA LEU A 111 -7.68 1.68 -9.38
C LEU A 111 -8.15 2.97 -10.01
N MET A 112 -8.47 2.89 -11.31
CA MET A 112 -9.00 4.03 -12.08
C MET A 112 -10.53 4.12 -11.94
N SER A 113 -11.06 5.33 -12.09
CA SER A 113 -12.49 5.54 -12.11
C SER A 113 -13.06 5.16 -13.46
N ALA A 114 -14.37 5.31 -13.57
CA ALA A 114 -15.09 4.98 -14.81
C ALA A 114 -14.56 5.74 -16.02
N ASP A 115 -13.94 6.91 -15.80
CA ASP A 115 -13.42 7.72 -16.93
C ASP A 115 -12.08 7.22 -17.46
N ASP A 116 -11.47 6.28 -16.74
CA ASP A 116 -10.19 5.66 -17.14
C ASP A 116 -9.03 6.65 -17.24
N THR A 117 -9.19 7.79 -16.61
CA THR A 117 -8.20 8.86 -16.62
CA THR A 117 -8.21 8.78 -16.57
C THR A 117 -7.79 9.29 -15.21
N ASN A 118 -8.80 9.57 -14.40
CA ASN A 118 -8.62 9.84 -12.98
C ASN A 118 -8.75 8.62 -12.09
N TYR A 119 -8.05 8.62 -10.96
CA TYR A 119 -8.23 7.50 -10.01
C TYR A 119 -9.66 7.45 -9.47
N GLU A 120 -10.10 6.25 -9.10
CA GLU A 120 -11.37 6.08 -8.39
C GLU A 120 -11.19 6.64 -6.97
N ILE A 121 -12.16 7.43 -6.50
CA ILE A 121 -12.11 7.96 -5.13
C ILE A 121 -13.14 7.22 -4.29
N PHE A 122 -12.64 6.57 -3.24
CA PHE A 122 -13.45 5.83 -2.30
C PHE A 122 -13.78 6.68 -1.08
N LYS A 123 -15.05 6.63 -0.67
CA LYS A 123 -15.54 7.30 0.54
C LYS A 123 -15.92 6.21 1.55
N LEU A 124 -14.98 5.85 2.41
CA LEU A 124 -15.10 4.61 3.21
C LEU A 124 -15.89 4.70 4.53
N LYS A 125 -16.22 5.91 4.97
CA LYS A 125 -16.87 6.03 6.30
C LYS A 125 -18.20 5.32 6.35
N ASN A 126 -18.35 4.53 7.41
CA ASN A 126 -19.46 3.63 7.61
C ASN A 126 -19.76 2.70 6.45
N GLN A 127 -18.73 2.37 5.67
CA GLN A 127 -18.85 1.37 4.62
C GLN A 127 -18.05 0.11 4.94
N GLU A 128 -18.36 -0.93 4.19
CA GLU A 128 -17.67 -2.19 4.30
C GLU A 128 -16.97 -2.43 2.97
N PHE A 129 -15.70 -2.84 3.03
CA PHE A 129 -14.91 -3.11 1.81
C PHE A 129 -14.43 -4.55 1.89
N ALA A 130 -14.68 -5.33 0.83
CA ALA A 130 -14.27 -6.75 0.83
C ALA A 130 -13.48 -7.03 -0.42
N PHE A 131 -12.54 -7.96 -0.31
CA PHE A 131 -11.85 -8.50 -1.47
C PHE A 131 -11.46 -9.93 -1.17
N ASP A 132 -11.14 -10.67 -2.22
CA ASP A 132 -10.61 -12.01 -2.04
C ASP A 132 -9.11 -11.96 -2.32
N VAL A 133 -8.36 -12.82 -1.63
CA VAL A 133 -6.91 -12.89 -1.88
C VAL A 133 -6.44 -14.34 -1.91
N ASP A 134 -5.53 -14.62 -2.83
CA ASP A 134 -4.81 -15.88 -2.83
C ASP A 134 -3.36 -15.51 -2.67
N MET A 135 -2.83 -15.74 -1.48
CA MET A 135 -1.43 -15.45 -1.27
C MET A 135 -0.61 -16.71 -1.00
N SER A 136 -1.12 -17.84 -1.48
CA SER A 136 -0.45 -19.12 -1.34
C SER A 136 0.91 -19.10 -2.00
N ASN A 137 1.10 -18.23 -2.99
CA ASN A 137 2.38 -18.13 -3.71
C ASN A 137 3.22 -16.93 -3.25
N LEU A 138 3.00 -16.46 -2.02
CA LEU A 138 3.77 -15.34 -1.46
C LEU A 138 4.48 -15.79 -0.20
N PRO A 139 5.77 -16.11 -0.30
CA PRO A 139 6.46 -16.66 0.86
C PRO A 139 7.04 -15.60 1.83
N CYS A 140 7.80 -16.04 2.84
CA CYS A 140 8.50 -15.13 3.76
C CYS A 140 9.21 -14.05 2.95
N GLY A 141 9.18 -12.84 3.46
CA GLY A 141 9.86 -11.75 2.84
C GLY A 141 9.14 -10.89 1.80
N LEU A 142 7.98 -11.40 1.38
CA LEU A 142 7.11 -10.75 0.41
C LEU A 142 5.94 -10.06 1.11
N ASN A 143 5.43 -9.00 0.47
CA ASN A 143 4.22 -8.36 0.91
C ASN A 143 3.28 -8.10 -0.27
N GLY A 144 2.12 -8.69 -0.24
CA GLY A 144 1.07 -8.33 -1.22
C GLY A 144 0.15 -7.40 -0.45
N ALA A 145 0.09 -6.14 -0.87
CA ALA A 145 -0.55 -5.09 -0.08
C ALA A 145 -1.75 -4.56 -0.83
N LEU A 146 -2.84 -4.32 -0.08
CA LEU A 146 -4.03 -3.65 -0.66
C LEU A 146 -4.34 -2.58 0.37
N TYR A 147 -4.40 -1.33 -0.09
CA TYR A 147 -4.49 -0.25 0.86
C TYR A 147 -4.99 1.00 0.20
N PHE A 148 -5.31 1.99 1.02
CA PHE A 148 -5.82 3.27 0.47
C PHE A 148 -4.90 4.42 0.90
N VAL A 149 -4.71 5.42 0.03
CA VAL A 149 -3.91 6.59 0.42
C VAL A 149 -4.62 7.83 -0.05
N GLU A 150 -4.32 8.97 0.59
CA GLU A 150 -5.02 10.20 0.26
C GLU A 150 -4.33 10.93 -0.91
N MET A 151 -4.26 10.22 -2.04
CA MET A 151 -3.76 10.78 -3.29
C MET A 151 -4.81 11.70 -3.90
N ASP A 152 -4.37 12.60 -4.76
CA ASP A 152 -5.32 13.39 -5.55
C ASP A 152 -5.93 12.49 -6.62
N ALA A 153 -7.21 12.68 -6.91
CA ALA A 153 -7.86 11.93 -7.99
C ALA A 153 -7.09 12.02 -9.34
N ASP A 154 -6.52 13.18 -9.64
CA ASP A 154 -5.74 13.33 -10.90
C ASP A 154 -4.24 13.11 -10.75
N GLY A 155 -3.82 12.61 -9.59
CA GLY A 155 -2.41 12.30 -9.36
C GLY A 155 -1.50 13.52 -9.41
N GLY A 156 -2.08 14.71 -9.26
CA GLY A 156 -1.30 15.94 -9.29
C GLY A 156 -1.35 16.75 -10.57
N LEU A 157 -2.12 16.30 -11.58
CA LEU A 157 -2.15 17.01 -12.88
C LEU A 157 -2.51 18.49 -12.68
N SER A 158 -3.55 18.75 -11.90
CA SER A 158 -4.08 20.11 -11.75
C SER A 158 -3.36 20.95 -10.68
N ARG A 159 -2.68 20.33 -9.72
CA ARG A 159 -1.97 21.09 -8.68
C ARG A 159 -0.61 21.58 -9.11
N PHE A 160 0.01 20.88 -10.05
CA PHE A 160 1.43 21.08 -10.32
C PHE A 160 1.66 21.38 -11.79
N PRO A 161 2.06 22.63 -12.08
CA PRO A 161 2.22 23.04 -13.49
C PRO A 161 3.08 22.10 -14.31
N ASN A 162 4.19 21.62 -13.77
CA ASN A 162 5.11 20.78 -14.53
C ASN A 162 4.81 19.27 -14.48
N ASN A 163 3.71 18.90 -13.86
CA ASN A 163 3.16 17.57 -14.00
C ASN A 163 2.16 17.61 -15.11
N LYS A 164 2.56 17.15 -16.28
CA LYS A 164 1.67 17.14 -17.42
C LYS A 164 1.13 15.69 -17.72
N ALA A 165 1.46 14.73 -16.88
CA ALA A 165 1.16 13.32 -17.15
C ALA A 165 -0.04 12.87 -16.32
N GLY A 166 0.05 13.11 -15.03
CA GLY A 166 -1.08 12.84 -14.17
C GLY A 166 -1.40 11.37 -13.96
N SER A 167 -2.62 11.14 -13.45
CA SER A 167 -3.10 9.85 -12.99
C SER A 167 -3.16 8.82 -14.14
N LYS A 168 -3.31 9.26 -15.39
CA LYS A 168 -3.29 8.32 -16.50
C LYS A 168 -1.94 7.56 -16.54
N TYR A 169 -0.89 8.20 -16.03
CA TYR A 169 0.45 7.61 -16.00
C TYR A 169 0.89 7.28 -14.56
N GLY A 170 -0.05 7.27 -13.62
CA GLY A 170 0.27 6.77 -12.28
C GLY A 170 1.15 7.70 -11.46
N THR A 171 1.01 9.02 -11.68
CA THR A 171 1.76 10.01 -10.84
C THR A 171 1.06 10.30 -9.49
N GLY A 172 1.82 10.88 -8.57
CA GLY A 172 1.22 11.48 -7.38
C GLY A 172 1.22 10.60 -6.16
N TYR A 173 1.98 9.51 -6.18
CA TYR A 173 1.97 8.61 -5.02
C TYR A 173 2.43 9.33 -3.73
N CYS A 174 1.89 8.89 -2.60
CA CYS A 174 2.29 9.34 -1.27
C CYS A 174 1.82 8.25 -0.31
N ASP A 175 2.44 8.19 0.84
CA ASP A 175 1.94 7.35 1.95
C ASP A 175 2.57 7.83 3.25
N THR A 176 2.30 7.14 4.35
CA THR A 176 2.78 7.71 5.63
C THR A 176 4.26 7.43 5.91
N GLN A 177 4.91 6.68 5.03
CA GLN A 177 6.37 6.56 5.08
C GLN A 177 7.10 7.76 4.50
N CYS A 178 6.36 8.70 3.90
CA CYS A 178 6.95 9.88 3.24
C CYS A 178 8.09 9.49 2.31
N PRO A 179 7.84 8.56 1.39
CA PRO A 179 8.96 7.98 0.62
C PRO A 179 9.69 9.01 -0.20
N GLN A 180 11.01 8.94 -0.12
CA GLN A 180 11.87 9.87 -0.85
C GLN A 180 12.48 9.21 -2.08
N ASP A 181 12.06 7.98 -2.38
CA ASP A 181 12.47 7.28 -3.62
C ASP A 181 11.59 7.61 -4.83
N ILE A 182 10.56 8.43 -4.61
CA ILE A 182 9.61 8.79 -5.66
C ILE A 182 10.30 9.76 -6.60
N LYS A 183 10.25 9.50 -7.90
CA LYS A 183 11.07 10.25 -8.87
C LYS A 183 10.49 11.62 -9.21
N PHE A 184 9.17 11.73 -9.25
CA PHE A 184 8.51 13.03 -9.47
C PHE A 184 7.58 13.33 -8.34
N ILE A 185 7.83 14.46 -7.66
CA ILE A 185 6.93 14.93 -6.59
C ILE A 185 6.60 16.37 -6.88
N ASN A 186 5.31 16.70 -6.79
CA ASN A 186 4.82 18.07 -7.03
C ASN A 186 5.26 18.60 -8.40
N GLY A 187 5.26 17.71 -9.39
CA GLY A 187 5.65 18.04 -10.77
C GLY A 187 7.13 18.40 -10.97
N GLU A 188 7.97 18.08 -10.01
CA GLU A 188 9.41 18.32 -10.14
C GLU A 188 10.20 17.05 -9.93
N ALA A 189 11.26 16.86 -10.71
CA ALA A 189 12.11 15.69 -10.53
C ALA A 189 12.83 15.78 -9.18
N ASN A 190 12.80 14.69 -8.41
CA ASN A 190 13.33 14.67 -7.05
C ASN A 190 14.84 14.35 -7.06
N ILE A 191 15.60 15.21 -7.73
CA ILE A 191 17.02 14.97 -8.01
C ILE A 191 17.99 15.65 -7.05
N LEU A 192 17.51 16.51 -6.16
CA LEU A 192 18.42 17.18 -5.25
C LEU A 192 18.95 16.20 -4.19
N GLY A 193 20.27 16.13 -4.08
CA GLY A 193 20.90 15.22 -3.14
C GLY A 193 20.67 13.75 -3.46
N TRP A 194 20.39 13.44 -4.72
CA TRP A 194 20.07 12.10 -5.16
C TRP A 194 21.17 11.13 -4.79
N THR A 195 20.79 10.07 -4.07
CA THR A 195 21.72 9.05 -3.61
C THR A 195 21.23 7.69 -4.09
N PRO A 196 22.05 6.98 -4.89
CA PRO A 196 21.62 5.63 -5.30
C PRO A 196 21.51 4.67 -4.12
N SER A 197 20.58 3.73 -4.21
CA SER A 197 20.56 2.61 -3.28
C SER A 197 21.70 1.67 -3.59
N SER A 198 22.37 1.20 -2.55
CA SER A 198 23.44 0.21 -2.71
C SER A 198 22.87 -1.19 -3.00
N SER A 199 21.72 -1.49 -2.41
CA SER A 199 21.14 -2.83 -2.52
C SER A 199 20.12 -2.94 -3.64
N ASP A 200 19.43 -1.84 -3.94
CA ASP A 200 18.44 -1.85 -5.01
C ASP A 200 18.97 -1.08 -6.21
N SER A 201 19.35 -1.80 -7.26
CA SER A 201 20.02 -1.20 -8.42
C SER A 201 19.10 -0.31 -9.26
N ASN A 202 17.80 -0.33 -8.97
CA ASN A 202 16.83 0.47 -9.71
C ASN A 202 16.36 1.71 -8.95
N ALA A 203 16.87 1.92 -7.74
CA ALA A 203 16.29 2.92 -6.84
C ALA A 203 17.32 3.86 -6.24
N GLY A 204 16.84 5.04 -5.86
CA GLY A 204 17.63 5.98 -5.10
C GLY A 204 16.67 6.84 -4.30
N THR A 205 17.20 7.80 -3.53
CA THR A 205 16.36 8.76 -2.82
C THR A 205 16.85 10.18 -3.09
N GLY A 206 15.90 11.10 -3.19
CA GLY A 206 16.19 12.52 -3.27
C GLY A 206 15.79 13.26 -2.01
N GLN A 207 15.89 14.58 -2.06
CA GLN A 207 15.75 15.44 -0.88
C GLN A 207 14.32 15.42 -0.32
N TYR A 208 13.35 15.30 -1.22
CA TYR A 208 11.95 15.38 -0.83
C TYR A 208 11.28 14.02 -0.74
N GLY A 209 10.29 13.95 0.17
CA GLY A 209 9.39 12.80 0.22
C GLY A 209 7.98 13.24 -0.08
N SER A 210 7.09 12.25 -0.26
CA SER A 210 5.69 12.54 -0.56
C SER A 210 4.81 11.81 0.46
N CYS A 211 4.08 12.61 1.26
CA CYS A 211 3.41 12.14 2.46
C CYS A 211 1.90 12.27 2.36
N CYS A 212 1.18 11.30 2.92
CA CYS A 212 -0.27 11.42 3.10
C CYS A 212 -0.83 10.30 3.94
N ASN A 213 -2.03 10.51 4.45
CA ASN A 213 -2.75 9.50 5.24
C ASN A 213 -2.84 8.19 4.48
N GLU A 214 -2.81 7.09 5.23
CA GLU A 214 -2.72 5.77 4.61
C GLU A 214 -3.47 4.76 5.46
N MET A 215 -4.43 4.06 4.85
CA MET A 215 -5.13 2.99 5.53
C MET A 215 -4.64 1.68 4.93
N ASP A 216 -3.84 0.94 5.68
CA ASP A 216 -3.34 -0.33 5.15
C ASP A 216 -4.34 -1.42 5.51
N VAL A 217 -5.28 -1.65 4.61
CA VAL A 217 -6.29 -2.70 4.82
C VAL A 217 -5.61 -4.05 4.95
N TRP A 218 -4.56 -4.26 4.16
CA TRP A 218 -4.01 -5.59 4.06
C TRP A 218 -2.55 -5.53 3.69
N GLU A 219 -1.69 -6.04 4.55
CA GLU A 219 -0.29 -6.26 4.18
C GLU A 219 0.01 -7.66 4.64
N ALA A 220 0.45 -8.53 3.74
CA ALA A 220 0.50 -9.94 4.12
C ALA A 220 1.28 -10.78 3.16
N ASN A 221 1.71 -11.92 3.69
CA ASN A 221 2.17 -13.04 2.89
C ASN A 221 1.58 -14.32 3.51
N ILE A 222 1.96 -15.48 2.97
CA ILE A 222 1.31 -16.71 3.40
C ILE A 222 1.44 -16.90 4.92
N ASN A 223 2.45 -16.25 5.53
CA ASN A 223 2.70 -16.46 6.97
C ASN A 223 1.93 -15.59 7.95
N SER A 224 1.87 -14.29 7.66
CA SER A 224 1.28 -13.33 8.60
C SER A 224 0.65 -12.19 7.82
N ALA A 225 -0.27 -11.50 8.48
CA ALA A 225 -0.99 -10.37 7.92
C ALA A 225 -1.14 -9.27 8.96
N ALA A 226 -1.27 -8.02 8.49
CA ALA A 226 -1.52 -6.89 9.35
C ALA A 226 -2.52 -5.94 8.70
N VAL A 227 -3.38 -5.33 9.53
CA VAL A 227 -4.26 -4.24 9.09
C VAL A 227 -3.90 -3.04 9.94
N THR A 228 -3.62 -1.92 9.27
CA THR A 228 -2.95 -0.79 9.96
C THR A 228 -3.37 0.59 9.40
N PRO A 229 -4.22 1.34 10.15
CA PRO A 229 -4.35 2.75 9.82
C PRO A 229 -3.09 3.57 10.23
N HIS A 230 -2.72 4.56 9.42
CA HIS A 230 -1.65 5.49 9.74
C HIS A 230 -2.19 6.89 9.40
N VAL A 231 -1.93 7.86 10.28
CA VAL A 231 -2.38 9.24 10.05
C VAL A 231 -1.23 10.24 10.01
N CYS A 232 -1.53 11.43 9.47
CA CYS A 232 -0.57 12.53 9.40
C CYS A 232 -1.24 13.76 9.97
N ASN A 233 -0.46 14.80 10.24
CA ASN A 233 -1.05 16.08 10.64
C ASN A 233 -1.26 17.03 9.45
N VAL A 234 -1.18 16.48 8.24
CA VAL A 234 -1.45 17.23 7.01
C VAL A 234 -2.58 16.53 6.25
N GLN A 235 -3.28 17.29 5.42
CA GLN A 235 -4.41 16.76 4.66
C GLN A 235 -3.94 16.59 3.22
N GLY A 236 -4.12 15.41 2.64
CA GLY A 236 -3.77 15.19 1.22
C GLY A 236 -2.27 15.01 0.95
N GLN A 237 -1.94 14.84 -0.33
CA GLN A 237 -0.56 14.58 -0.75
C GLN A 237 0.27 15.83 -0.54
N THR A 238 1.34 15.68 0.25
CA THR A 238 2.13 16.80 0.73
C THR A 238 3.61 16.45 0.55
N ARG A 239 4.38 17.36 -0.02
CA ARG A 239 5.82 17.16 -0.16
C ARG A 239 6.50 17.56 1.14
N CYS A 240 7.44 16.72 1.59
CA CYS A 240 8.19 16.96 2.82
C CYS A 240 9.68 17.11 2.51
N SER A 241 10.37 17.81 3.40
CA SER A 241 11.82 17.92 3.33
C SER A 241 12.35 17.85 4.78
N GLY A 242 13.56 17.36 4.99
CA GLY A 242 14.15 17.43 6.34
C GLY A 242 13.36 16.71 7.42
N THR A 243 13.22 17.32 8.56
CA THR A 243 12.59 16.66 9.68
C THR A 243 11.16 16.23 9.39
N GLN A 244 10.51 16.93 8.49
CA GLN A 244 9.10 16.66 8.15
C GLN A 244 8.96 15.20 7.67
N CYS A 245 9.97 14.70 7.00
CA CYS A 245 9.85 13.39 6.35
C CYS A 245 10.00 12.27 7.34
N GLY A 246 10.51 12.62 8.51
CA GLY A 246 10.69 11.70 9.59
C GLY A 246 11.54 10.51 9.23
N ASP A 247 12.61 10.80 8.51
CA ASP A 247 13.53 9.75 8.05
C ASP A 247 14.53 9.45 9.15
N GLY A 248 14.93 8.17 9.24
CA GLY A 248 15.93 7.70 10.19
C GLY A 248 15.65 8.03 11.65
N ASP A 249 16.55 8.81 12.24
CA ASP A 249 16.48 9.21 13.65
C ASP A 249 15.30 10.12 13.97
N GLU A 250 14.75 10.76 12.93
CA GLU A 250 13.61 11.65 13.11
C GLU A 250 12.28 10.94 12.84
N ARG A 251 12.29 9.61 12.98
CA ARG A 251 11.11 8.75 12.73
C ARG A 251 9.83 9.29 13.36
N TYR A 252 9.93 9.77 14.60
CA TYR A 252 8.75 10.23 15.38
C TYR A 252 8.61 11.76 15.43
N ASP A 253 9.42 12.45 14.65
CA ASP A 253 9.43 13.92 14.61
C ASP A 253 8.73 14.48 13.37
N GLY A 254 8.25 13.58 12.52
CA GLY A 254 7.78 13.94 11.19
C GLY A 254 6.31 14.27 11.17
N ILE A 255 5.77 14.54 9.99
CA ILE A 255 4.34 14.86 9.89
C ILE A 255 3.42 13.64 9.84
N CYS A 256 4.00 12.46 9.68
CA CYS A 256 3.17 11.25 9.58
C CYS A 256 3.61 10.17 10.58
N ASP A 257 2.65 9.32 10.91
CA ASP A 257 2.83 8.19 11.81
C ASP A 257 3.32 6.96 11.03
N LYS A 258 4.61 6.72 11.09
CA LYS A 258 5.22 5.65 10.29
C LYS A 258 4.86 4.25 10.76
N ASP A 259 4.62 4.08 12.06
CA ASP A 259 4.40 2.73 12.59
C ASP A 259 2.95 2.32 12.40
N GLY A 260 2.06 3.29 12.59
CA GLY A 260 0.62 3.05 12.49
C GLY A 260 0.06 2.30 13.70
N CYS A 261 -1.25 2.15 13.73
CA CYS A 261 -1.90 1.37 14.78
C CYS A 261 -2.28 0.01 14.20
N ASP A 262 -1.39 -0.95 14.34
CA ASP A 262 -1.51 -2.25 13.63
C ASP A 262 -2.23 -3.34 14.43
N PHE A 263 -2.95 -4.19 13.70
CA PHE A 263 -3.51 -5.43 14.22
C PHE A 263 -3.03 -6.57 13.33
N ASN A 264 -2.02 -7.29 13.82
CA ASN A 264 -1.50 -8.52 13.22
C ASN A 264 -1.86 -9.55 14.27
N SER A 265 -2.69 -10.51 13.91
CA SER A 265 -3.18 -11.51 14.88
C SER A 265 -2.06 -12.19 15.64
N PHE A 266 -0.98 -12.50 14.94
CA PHE A 266 0.20 -13.17 15.53
C PHE A 266 0.88 -12.26 16.53
N ARG A 267 1.12 -11.02 16.12
CA ARG A 267 1.78 -10.06 16.99
C ARG A 267 0.93 -9.83 18.23
N MET A 268 -0.40 -9.90 18.05
CA MET A 268 -1.31 -9.61 19.18
C MET A 268 -1.56 -10.82 20.04
N GLY A 269 -0.82 -11.89 19.75
CA GLY A 269 -0.74 -13.04 20.68
C GLY A 269 -1.53 -14.26 20.29
N ASN A 270 -1.96 -14.34 19.04
CA ASN A 270 -2.57 -15.57 18.57
C ASN A 270 -1.81 -16.14 17.38
N GLN A 271 -0.98 -17.14 17.66
CA GLN A 271 -0.09 -17.68 16.65
C GLN A 271 -0.72 -18.79 15.82
N THR A 272 -1.98 -19.16 16.08
CA THR A 272 -2.59 -20.27 15.37
C THR A 272 -3.74 -19.81 14.46
N PHE A 273 -3.94 -18.49 14.40
CA PHE A 273 -5.12 -17.96 13.72
C PHE A 273 -4.97 -17.87 12.19
N LEU A 274 -3.83 -17.37 11.70
CA LEU A 274 -3.71 -17.09 10.27
C LEU A 274 -2.38 -17.59 9.74
N GLY A 275 -2.45 -18.38 8.67
CA GLY A 275 -1.24 -19.02 8.13
C GLY A 275 -1.57 -20.35 7.49
N PRO A 276 -0.55 -21.09 7.03
CA PRO A 276 -0.77 -22.36 6.33
C PRO A 276 -1.48 -23.37 7.25
N GLY A 277 -2.65 -23.84 6.83
CA GLY A 277 -3.46 -24.77 7.61
C GLY A 277 -4.11 -24.25 8.88
N LYS A 278 -4.04 -22.95 9.11
CA LYS A 278 -4.58 -22.34 10.33
C LYS A 278 -6.05 -21.96 10.16
N THR A 279 -6.63 -21.30 11.16
CA THR A 279 -8.07 -20.97 11.17
C THR A 279 -8.49 -20.26 9.89
N VAL A 280 -7.71 -19.23 9.54
CA VAL A 280 -7.74 -18.64 8.20
C VAL A 280 -6.57 -19.33 7.48
N ASN A 281 -6.90 -20.20 6.53
CA ASN A 281 -5.91 -21.07 5.91
C ASN A 281 -5.37 -20.41 4.66
N THR A 282 -4.16 -19.88 4.78
CA THR A 282 -3.60 -19.07 3.69
C THR A 282 -3.02 -19.94 2.56
N ASN A 283 -3.12 -21.27 2.68
CA ASN A 283 -2.83 -22.14 1.53
C ASN A 283 -3.86 -21.99 0.38
N SER A 284 -5.03 -21.41 0.68
CA SER A 284 -6.12 -21.25 -0.31
CA SER A 284 -6.12 -21.33 -0.25
C SER A 284 -6.64 -19.82 -0.31
N LYS A 285 -7.43 -19.48 -1.34
CA LYS A 285 -8.07 -18.17 -1.42
C LYS A 285 -9.06 -17.97 -0.26
N PHE A 286 -9.15 -16.73 0.22
CA PHE A 286 -10.19 -16.39 1.19
C PHE A 286 -10.61 -14.95 1.00
N THR A 287 -11.72 -14.58 1.64
CA THR A 287 -12.25 -13.23 1.65
C THR A 287 -11.85 -12.46 2.89
N VAL A 288 -11.40 -11.24 2.67
CA VAL A 288 -11.06 -10.29 3.73
C VAL A 288 -12.10 -9.15 3.73
N VAL A 289 -12.83 -9.01 4.85
CA VAL A 289 -13.88 -7.99 4.97
C VAL A 289 -13.45 -6.97 6.00
N THR A 290 -13.61 -5.69 5.68
CA THR A 290 -13.14 -4.62 6.59
C THR A 290 -14.26 -3.59 6.70
N GLN A 291 -14.66 -3.31 7.94
CA GLN A 291 -15.79 -2.41 8.21
C GLN A 291 -15.27 -1.15 8.90
N PHE A 292 -15.66 0.03 8.39
CA PHE A 292 -15.17 1.28 8.92
C PHE A 292 -16.33 1.99 9.65
N LEU A 293 -16.48 1.66 10.93
CA LEU A 293 -17.67 2.05 11.71
C LEU A 293 -17.59 3.46 12.26
N THR A 294 -18.68 4.22 12.15
CA THR A 294 -18.72 5.58 12.69
C THR A 294 -19.50 5.54 14.01
N SER A 295 -19.31 6.58 14.82
CA SER A 295 -19.87 6.65 16.15
CA SER A 295 -19.87 6.56 16.21
C SER A 295 -21.39 6.71 16.15
N ASP A 296 -21.98 7.26 15.09
CA ASP A 296 -23.44 7.43 15.02
C ASP A 296 -24.09 6.59 13.93
N ASN A 297 -23.31 5.68 13.35
CA ASN A 297 -23.79 4.78 12.32
C ASN A 297 -24.33 5.56 11.10
N THR A 298 -23.71 6.70 10.77
CA THR A 298 -23.98 7.41 9.50
C THR A 298 -22.69 7.63 8.71
N THR A 299 -22.81 8.03 7.46
CA THR A 299 -21.62 8.26 6.61
C THR A 299 -20.91 9.57 6.91
N THR A 300 -21.52 10.38 7.78
CA THR A 300 -20.98 11.69 8.14
C THR A 300 -20.46 11.72 9.58
N GLY A 301 -20.65 10.63 10.33
CA GLY A 301 -20.22 10.52 11.74
C GLY A 301 -18.71 10.32 11.88
N THR A 302 -18.21 10.27 13.11
CA THR A 302 -16.76 10.12 13.35
C THR A 302 -16.31 8.68 13.24
N LEU A 303 -15.21 8.41 12.53
CA LEU A 303 -14.72 7.03 12.49
C LEU A 303 -14.32 6.60 13.90
N HIS A 304 -14.86 5.47 14.34
CA HIS A 304 -14.71 4.98 15.72
C HIS A 304 -14.04 3.62 15.81
N GLU A 305 -14.17 2.79 14.77
CA GLU A 305 -13.73 1.39 14.89
C GLU A 305 -13.50 0.83 13.51
N ILE A 306 -12.45 0.03 13.36
CA ILE A 306 -12.24 -0.76 12.14
C ILE A 306 -12.32 -2.23 12.51
N ARG A 307 -13.33 -2.92 11.97
CA ARG A 307 -13.53 -4.34 12.27
C ARG A 307 -13.16 -5.20 11.07
N ARG A 308 -12.83 -6.46 11.36
CA ARG A 308 -12.36 -7.39 10.36
C ARG A 308 -13.12 -8.71 10.48
N LEU A 309 -13.59 -9.22 9.34
CA LEU A 309 -14.10 -10.62 9.25
C LEU A 309 -13.41 -11.32 8.10
N TYR A 310 -13.32 -12.65 8.17
CA TYR A 310 -12.81 -13.44 7.05
C TYR A 310 -13.90 -14.37 6.60
N VAL A 311 -13.85 -14.79 5.32
CA VAL A 311 -14.81 -15.80 4.83
C VAL A 311 -13.99 -16.80 4.03
N GLN A 312 -14.08 -18.07 4.40
CA GLN A 312 -13.34 -19.08 3.63
C GLN A 312 -14.19 -20.32 3.48
N ASN A 313 -14.32 -20.81 2.24
CA ASN A 313 -15.18 -21.98 1.96
C ASN A 313 -16.63 -21.77 2.42
N GLY A 314 -17.10 -20.55 2.27
CA GLY A 314 -18.46 -20.17 2.67
C GLY A 314 -18.68 -19.94 4.16
N LYS A 315 -17.64 -20.08 4.98
CA LYS A 315 -17.81 -19.92 6.42
C LYS A 315 -17.21 -18.59 6.88
N VAL A 316 -17.99 -17.79 7.60
CA VAL A 316 -17.48 -16.54 8.20
C VAL A 316 -16.64 -16.84 9.43
N ILE A 317 -15.49 -16.21 9.52
CA ILE A 317 -14.54 -16.40 10.62
C ILE A 317 -14.37 -15.05 11.30
N ALA A 318 -14.68 -15.00 12.60
CA ALA A 318 -14.49 -13.79 13.40
C ALA A 318 -13.02 -13.44 13.52
N ASN A 319 -12.74 -12.15 13.66
CA ASN A 319 -11.35 -11.77 13.93
C ASN A 319 -10.85 -12.38 15.24
N SER A 320 -9.55 -12.67 15.31
CA SER A 320 -8.96 -13.15 16.55
C SER A 320 -9.01 -12.05 17.61
N LYS A 321 -8.92 -12.46 18.86
CA LYS A 321 -8.84 -11.50 19.95
C LYS A 321 -7.40 -11.35 20.38
N THR A 322 -7.08 -10.19 20.95
CA THR A 322 -5.74 -9.98 21.47
C THR A 322 -5.52 -10.89 22.69
N ASN A 323 -4.26 -11.26 22.90
CA ASN A 323 -3.85 -12.15 23.97
C ASN A 323 -2.49 -11.69 24.47
N ILE A 324 -2.48 -10.45 24.96
CA ILE A 324 -1.27 -9.84 25.51
C ILE A 324 -1.49 -9.68 27.01
N ALA A 325 -0.66 -10.35 27.80
CA ALA A 325 -0.80 -10.30 29.25
C ALA A 325 -0.71 -8.87 29.73
N GLY A 326 -1.65 -8.47 30.56
CA GLY A 326 -1.62 -7.15 31.10
C GLY A 326 -2.37 -6.11 30.28
N MET A 327 -2.77 -6.54 29.09
CA MET A 327 -3.51 -5.65 28.22
C MET A 327 -4.98 -6.10 28.10
N SER A 328 -5.93 -5.20 28.10
CA SER A 328 -7.29 -5.44 27.90
CA SER A 328 -7.29 -5.53 27.96
C SER A 328 -7.48 -6.15 26.56
N GLN A 329 -8.57 -6.86 26.45
CA GLN A 329 -8.81 -7.67 25.28
C GLN A 329 -9.63 -6.96 24.21
N PHE A 330 -9.11 -6.94 23.00
CA PHE A 330 -9.80 -6.33 21.89
C PHE A 330 -9.91 -7.33 20.70
N ASP A 331 -10.76 -7.02 19.74
CA ASP A 331 -10.81 -7.83 18.52
C ASP A 331 -10.91 -6.94 17.28
N SER A 332 -10.63 -5.67 17.44
CA SER A 332 -10.75 -4.70 16.36
C SER A 332 -9.88 -3.51 16.69
N ILE A 333 -9.82 -2.57 15.76
CA ILE A 333 -9.05 -1.35 15.98
C ILE A 333 -9.96 -0.21 16.43
N THR A 334 -9.75 0.24 17.67
CA THR A 334 -10.39 1.42 18.23
C THR A 334 -9.28 2.31 18.78
N ASP A 335 -9.58 3.54 19.06
CA ASP A 335 -8.54 4.31 19.69
C ASP A 335 -8.08 3.72 21.04
N ASP A 336 -9.01 3.16 21.81
CA ASP A 336 -8.68 2.48 23.03
CA ASP A 336 -8.62 2.53 22.97
C ASP A 336 -7.65 1.32 22.76
N PHE A 337 -7.91 0.59 21.70
CA PHE A 337 -6.96 -0.48 21.32
C PHE A 337 -5.59 0.07 21.08
N CYS A 338 -5.52 1.16 20.34
CA CYS A 338 -4.25 1.67 19.98
C CYS A 338 -3.49 2.14 21.23
N ASN A 339 -4.21 2.82 22.11
CA ASN A 339 -3.60 3.27 23.36
C ASN A 339 -3.09 2.08 24.22
N ALA A 340 -3.88 1.05 24.26
CA ALA A 340 -3.59 -0.09 25.07
C ALA A 340 -2.38 -0.83 24.48
N GLN A 341 -2.38 -1.02 23.18
CA GLN A 341 -1.30 -1.79 22.53
C GLN A 341 0.01 -1.02 22.53
N LYS A 342 -0.05 0.30 22.27
CA LYS A 342 1.18 1.08 22.28
C LYS A 342 1.78 1.10 23.69
N THR A 343 0.92 1.17 24.70
CA THR A 343 1.36 1.11 26.11
C THR A 343 1.95 -0.25 26.48
N ALA A 344 1.24 -1.31 26.09
CA ALA A 344 1.68 -2.69 26.36
C ALA A 344 3.03 -2.99 25.72
N PHE A 345 3.22 -2.49 24.50
CA PHE A 345 4.43 -2.77 23.74
C PHE A 345 5.57 -1.78 23.99
N GLY A 346 5.27 -0.64 24.61
CA GLY A 346 6.28 0.41 24.78
C GLY A 346 6.68 1.07 23.47
N ASP A 347 5.70 1.23 22.55
CA ASP A 347 5.93 1.89 21.26
C ASP A 347 5.35 3.30 21.34
N THR A 348 6.03 4.25 20.72
CA THR A 348 5.57 5.65 20.67
C THR A 348 4.22 5.73 20.00
N ASN A 349 3.25 6.38 20.65
CA ASN A 349 1.91 6.43 20.10
C ASN A 349 1.70 7.64 19.19
N SER A 350 2.40 7.66 18.08
CA SER A 350 2.23 8.73 17.11
C SER A 350 0.85 8.74 16.47
N PHE A 351 0.24 7.56 16.39
CA PHE A 351 -1.07 7.42 15.79
C PHE A 351 -2.06 8.32 16.58
N GLU A 352 -2.04 8.17 17.89
CA GLU A 352 -2.91 8.97 18.68
CA GLU A 352 -2.89 8.97 18.75
C GLU A 352 -2.46 10.45 18.76
N ASN A 353 -1.17 10.69 18.85
CA ASN A 353 -0.61 12.04 18.90
C ASN A 353 -1.07 12.88 17.67
N LEU A 354 -1.16 12.21 16.54
CA LEU A 354 -1.57 12.84 15.27
C LEU A 354 -3.07 12.76 14.96
N GLY A 355 -3.86 12.34 15.95
CA GLY A 355 -5.33 12.49 15.93
C GLY A 355 -6.14 11.23 15.71
N GLY A 356 -5.44 10.10 15.63
CA GLY A 356 -6.12 8.80 15.70
C GLY A 356 -7.17 8.51 14.64
N LEU A 357 -8.14 7.68 15.01
CA LEU A 357 -9.18 7.31 14.06
C LEU A 357 -10.03 8.48 13.56
N ASN A 358 -10.21 9.50 14.38
CA ASN A 358 -10.93 10.68 13.90
C ASN A 358 -10.28 11.23 12.62
N VAL A 359 -8.98 11.46 12.68
CA VAL A 359 -8.22 11.97 11.56
C VAL A 359 -8.18 11.00 10.36
N MET A 360 -8.06 9.71 10.64
CA MET A 360 -8.22 8.71 9.57
C MET A 360 -9.57 8.87 8.86
N GLY A 361 -10.63 9.06 9.65
CA GLY A 361 -11.99 9.16 9.08
C GLY A 361 -12.14 10.43 8.26
N GLN A 362 -11.45 11.48 8.65
CA GLN A 362 -11.48 12.73 7.87
C GLN A 362 -10.81 12.60 6.50
N ALA A 363 -9.75 11.78 6.44
CA ALA A 363 -9.17 11.44 5.14
C ALA A 363 -10.19 10.66 4.30
N PHE A 364 -10.95 9.80 4.96
CA PHE A 364 -11.96 9.06 4.24
C PHE A 364 -13.08 9.98 3.71
N ASP A 365 -13.37 11.02 4.46
CA ASP A 365 -14.46 12.00 4.11
CA ASP A 365 -14.47 11.92 4.17
C ASP A 365 -14.02 12.60 2.69
N LYS A 366 -12.78 13.00 2.66
CA LYS A 366 -12.32 13.74 1.53
C LYS A 366 -12.13 12.79 0.33
N GLY A 367 -11.75 11.56 0.65
CA GLY A 367 -11.62 10.52 -0.37
C GLY A 367 -10.21 9.99 -0.53
N VAL A 368 -10.14 8.69 -0.81
CA VAL A 368 -8.85 8.01 -0.90
C VAL A 368 -8.82 7.11 -2.12
N VAL A 369 -7.60 6.80 -2.57
CA VAL A 369 -7.35 6.01 -3.76
C VAL A 369 -6.94 4.58 -3.36
N LEU A 370 -7.43 3.60 -4.11
CA LEU A 370 -7.10 2.18 -3.84
C LEU A 370 -5.78 1.82 -4.54
N VAL A 371 -4.88 1.21 -3.77
CA VAL A 371 -3.53 0.84 -4.22
C VAL A 371 -3.43 -0.67 -4.05
N MET A 372 -2.85 -1.38 -5.03
CA MET A 372 -2.50 -2.78 -4.82
C MET A 372 -1.06 -3.00 -5.25
N SER A 373 -0.33 -3.76 -4.46
CA SER A 373 1.12 -3.89 -4.75
C SER A 373 1.67 -5.23 -4.33
N VAL A 374 2.84 -5.54 -4.88
CA VAL A 374 3.64 -6.64 -4.38
C VAL A 374 5.07 -6.16 -4.31
N TRP A 375 5.70 -6.40 -3.18
CA TRP A 375 7.05 -5.84 -2.95
C TRP A 375 7.89 -6.66 -1.99
N ASP A 376 9.22 -6.56 -2.16
CA ASP A 376 10.14 -6.94 -1.10
C ASP A 376 10.75 -5.68 -0.48
N ASP A 377 11.44 -5.85 0.65
CA ASP A 377 11.76 -4.74 1.57
C ASP A 377 13.28 -4.57 1.80
N HIS A 378 13.87 -3.57 1.17
CA HIS A 378 15.31 -3.38 1.27
C HIS A 378 15.72 -2.81 2.63
N GLU A 379 14.77 -2.16 3.29
CA GLU A 379 15.06 -1.53 4.58
C GLU A 379 15.05 -2.52 5.77
N ALA A 380 14.03 -3.37 5.85
CA ALA A 380 13.85 -4.24 7.03
C ALA A 380 13.52 -5.69 6.69
N ASN A 381 13.64 -6.08 5.41
CA ASN A 381 13.46 -7.48 5.00
C ASN A 381 12.12 -8.09 5.39
N MET A 382 11.10 -7.23 5.53
CA MET A 382 9.74 -7.63 5.88
C MET A 382 9.67 -8.32 7.25
N LEU A 383 10.72 -8.16 8.05
CA LEU A 383 10.76 -8.86 9.34
C LEU A 383 9.71 -8.31 10.31
N TRP A 384 9.35 -7.04 10.10
CA TRP A 384 8.28 -6.40 10.87
C TRP A 384 6.91 -7.05 10.65
N LEU A 385 6.75 -7.74 9.53
CA LEU A 385 5.48 -8.39 9.20
C LEU A 385 5.44 -9.84 9.63
N ASP A 386 6.56 -10.55 9.45
CA ASP A 386 6.52 -12.01 9.51
C ASP A 386 7.58 -12.70 10.36
N SER A 387 8.33 -11.91 11.13
CA SER A 387 9.44 -12.48 11.92
C SER A 387 9.52 -11.83 13.28
N ASP A 388 10.69 -11.91 13.90
CA ASP A 388 10.92 -11.22 15.17
C ASP A 388 11.57 -9.87 14.85
N TYR A 389 11.00 -8.80 15.38
CA TYR A 389 11.42 -7.45 15.01
C TYR A 389 11.23 -6.49 16.19
N PRO A 390 12.26 -5.69 16.51
CA PRO A 390 13.66 -5.72 16.01
C PRO A 390 14.34 -7.07 16.20
N THR A 391 15.29 -7.44 15.34
CA THR A 391 15.93 -8.76 15.46
C THR A 391 16.84 -8.78 16.70
N THR A 392 17.16 -7.59 17.18
CA THR A 392 17.98 -7.39 18.39
C THR A 392 17.16 -7.36 19.68
N SER A 393 15.87 -7.68 19.60
CA SER A 393 15.04 -7.79 20.80
C SER A 393 14.72 -9.24 21.10
N SER A 394 14.58 -9.57 22.39
CA SER A 394 14.09 -10.89 22.85
C SER A 394 12.76 -11.26 22.19
N ALA A 395 12.66 -12.44 21.57
CA ALA A 395 11.37 -12.83 20.97
C ALA A 395 10.26 -13.15 21.99
N SER A 396 10.59 -13.24 23.29
CA SER A 396 9.53 -13.39 24.30
C SER A 396 8.91 -12.05 24.70
N THR A 397 9.52 -10.95 24.30
CA THR A 397 8.98 -9.62 24.62
C THR A 397 7.73 -9.37 23.79
N PRO A 398 6.61 -9.05 24.45
CA PRO A 398 5.36 -8.81 23.69
C PRO A 398 5.56 -7.80 22.57
N GLY A 399 5.06 -8.15 21.39
CA GLY A 399 5.16 -7.20 20.27
C GLY A 399 6.31 -7.51 19.33
N VAL A 400 7.31 -8.26 19.82
CA VAL A 400 8.48 -8.54 18.97
C VAL A 400 8.17 -9.60 17.93
N ALA A 401 7.55 -10.70 18.34
CA ALA A 401 7.24 -11.79 17.38
C ALA A 401 6.00 -11.46 16.56
N ARG A 402 6.16 -11.38 15.22
CA ARG A 402 5.06 -11.08 14.30
C ARG A 402 4.76 -12.21 13.37
N GLY A 403 5.66 -13.20 13.30
CA GLY A 403 5.40 -14.42 12.54
C GLY A 403 6.50 -15.45 12.73
N THR A 404 6.40 -16.53 11.97
CA THR A 404 7.24 -17.72 12.14
C THR A 404 8.51 -17.68 11.31
N CYS A 405 8.66 -16.68 10.46
CA CYS A 405 9.82 -16.63 9.55
C CYS A 405 11.12 -16.35 10.31
N ALA A 406 12.22 -16.86 9.76
CA ALA A 406 13.53 -16.74 10.37
C ALA A 406 14.00 -15.29 10.37
N THR A 407 14.83 -14.90 11.33
CA THR A 407 15.32 -13.52 11.33
C THR A 407 16.28 -13.25 10.18
N THR A 408 16.72 -14.31 9.49
CA THR A 408 17.61 -14.21 8.34
C THR A 408 16.79 -14.17 7.03
N SER A 409 15.46 -14.18 7.14
CA SER A 409 14.62 -14.27 5.94
C SER A 409 14.43 -12.90 5.30
N GLY A 410 13.89 -12.89 4.08
CA GLY A 410 13.50 -11.62 3.44
C GLY A 410 14.53 -10.69 2.87
N VAL A 411 15.81 -11.07 2.84
CA VAL A 411 16.78 -10.25 2.12
C VAL A 411 16.37 -10.22 0.64
N PRO A 412 16.15 -9.00 0.07
CA PRO A 412 15.63 -8.95 -1.33
C PRO A 412 16.37 -9.84 -2.30
N ALA A 413 17.70 -9.77 -2.33
CA ALA A 413 18.42 -10.59 -3.28
C ALA A 413 18.14 -12.07 -3.02
N ASN A 414 18.02 -12.47 -1.75
CA ASN A 414 17.75 -13.89 -1.50
C ASN A 414 16.35 -14.30 -1.96
N VAL A 415 15.36 -13.46 -1.66
CA VAL A 415 13.99 -13.80 -2.05
CA VAL A 415 13.99 -13.88 -1.99
C VAL A 415 13.78 -13.79 -3.57
N GLU A 416 14.41 -12.84 -4.25
CA GLU A 416 14.38 -12.77 -5.73
C GLU A 416 15.08 -14.01 -6.32
N SER A 417 16.20 -14.40 -5.71
CA SER A 417 16.98 -15.55 -6.16
C SER A 417 16.30 -16.87 -5.90
N GLN A 418 15.48 -16.93 -4.87
CA GLN A 418 14.91 -18.18 -4.40
C GLN A 418 13.43 -18.39 -4.76
N ASN A 419 12.69 -17.29 -4.78
CA ASN A 419 11.29 -17.34 -5.11
C ASN A 419 10.82 -16.31 -6.16
N PRO A 420 11.44 -16.32 -7.33
CA PRO A 420 11.14 -15.29 -8.33
C PRO A 420 9.70 -15.35 -8.84
N ASN A 421 9.11 -16.54 -8.84
CA ASN A 421 7.81 -16.73 -9.47
C ASN A 421 6.65 -16.49 -8.51
N SER A 422 6.96 -15.90 -7.36
CA SER A 422 5.93 -15.54 -6.38
C SER A 422 4.93 -14.59 -7.00
N SER A 423 3.71 -14.62 -6.48
CA SER A 423 2.64 -13.76 -7.03
C SER A 423 1.52 -13.67 -6.01
N VAL A 424 0.69 -12.65 -6.18
CA VAL A 424 -0.52 -12.49 -5.38
C VAL A 424 -1.69 -12.24 -6.32
N VAL A 425 -2.86 -12.79 -5.98
CA VAL A 425 -4.08 -12.52 -6.76
C VAL A 425 -5.07 -11.81 -5.85
N PHE A 426 -5.44 -10.57 -6.21
CA PHE A 426 -6.51 -9.84 -5.52
C PHE A 426 -7.72 -9.86 -6.43
N SER A 427 -8.89 -10.16 -5.88
CA SER A 427 -10.05 -10.33 -6.76
C SER A 427 -11.35 -9.97 -6.05
N ASN A 428 -12.40 -9.80 -6.84
CA ASN A 428 -13.75 -9.71 -6.31
C ASN A 428 -13.91 -8.58 -5.30
N ILE A 429 -13.42 -7.40 -5.66
CA ILE A 429 -13.48 -6.23 -4.80
C ILE A 429 -14.94 -5.78 -4.70
N LYS A 430 -15.40 -5.52 -3.48
CA LYS A 430 -16.79 -5.07 -3.27
C LYS A 430 -16.82 -3.96 -2.23
N ILE A 431 -17.69 -2.98 -2.45
CA ILE A 431 -17.90 -1.95 -1.45
C ILE A 431 -19.39 -1.72 -1.28
N GLY A 432 -19.82 -1.45 -0.05
CA GLY A 432 -21.23 -1.21 0.22
C GLY A 432 -21.47 -0.94 1.69
N PRO A 433 -22.75 -0.83 2.07
CA PRO A 433 -23.04 -0.64 3.49
C PRO A 433 -22.64 -1.87 4.29
N ILE A 434 -22.55 -1.72 5.61
CA ILE A 434 -22.17 -2.83 6.48
C ILE A 434 -23.07 -4.05 6.29
N GLY A 435 -22.46 -5.21 6.07
CA GLY A 435 -23.21 -6.45 5.84
C GLY A 435 -23.44 -6.80 4.40
N SER A 436 -23.16 -5.88 3.48
CA SER A 436 -23.60 -6.04 2.07
C SER A 436 -22.63 -6.81 1.15
N THR A 437 -21.39 -7.00 1.58
CA THR A 437 -20.36 -7.44 0.63
C THR A 437 -20.04 -8.93 0.70
N TYR A 438 -20.74 -9.65 1.57
CA TYR A 438 -20.53 -11.08 1.66
C TYR A 438 -21.81 -11.72 2.21
N THR A 439 -21.88 -13.04 2.14
CA THR A 439 -23.06 -13.77 2.59
C THR A 439 -22.74 -14.44 3.91
N ALA A 440 -23.51 -14.10 4.93
CA ALA A 440 -23.35 -14.72 6.23
C ALA A 440 -23.95 -16.13 6.27
#